data_7PJP
#
_entry.id   7PJP
#
_cell.length_a   39.730
_cell.length_b   103.840
_cell.length_c   41.950
_cell.angle_alpha   90.000
_cell.angle_beta   106.129
_cell.angle_gamma   90.000
#
_symmetry.space_group_name_H-M   'P 1 21 1'
#
loop_
_entity.id
_entity.type
_entity.pdbx_description
1 polymer 'YTH domain-containing protein 1'
2 non-polymer 5-(furan-2-yl)-N-methyl-1H-pyrazole-3-carboxamide
3 non-polymer 'SULFATE ION'
4 water water
#
_entity_poly.entity_id   1
_entity_poly.type   'polypeptide(L)'
_entity_poly.pdbx_seq_one_letter_code
;MHHHHHHSSGRENLYFQGTSKLKYVLQDARFFLIKSNNHENVSLAKAKGVWSTLPVNEKKLNLAFRSARSVILIFSVRES
GKFQGFARLSSESHHGGSPIHWVLPAGMSAKMLGGVFKIDWICRRELPFTKSAHLTNPWNEHKPVKIGRDGQEIELECGT
QLCLLFPPDESIDLYQVIHKMRH
;
_entity_poly.pdbx_strand_id   A,B
#
loop_
_chem_comp.id
_chem_comp.type
_chem_comp.name
_chem_comp.formula
7SL non-polymer 5-(furan-2-yl)-N-methyl-1H-pyrazole-3-carboxamide 'C9 H9 N3 O2'
SO4 non-polymer 'SULFATE ION' 'O4 S -2'
#
# COMPACT_ATOMS: atom_id res chain seq x y z
N GLY A 18 12.79 -16.09 16.87
CA GLY A 18 11.69 -16.48 16.00
C GLY A 18 10.53 -15.50 15.99
N THR A 19 9.44 -15.90 15.35
CA THR A 19 8.31 -15.01 15.12
C THR A 19 7.02 -15.54 15.71
N SER A 20 7.05 -16.69 16.38
CA SER A 20 5.80 -17.32 16.80
C SER A 20 5.14 -16.55 17.94
N LYS A 21 5.91 -16.16 18.95
CA LYS A 21 5.31 -15.39 20.03
C LYS A 21 4.83 -14.03 19.52
N LEU A 22 5.58 -13.45 18.58
CA LEU A 22 5.15 -12.17 17.99
C LEU A 22 3.82 -12.31 17.28
N LYS A 23 3.64 -13.38 16.49
CA LYS A 23 2.36 -13.60 15.82
C LYS A 23 1.24 -13.77 16.84
N TYR A 24 1.52 -14.47 17.95
CA TYR A 24 0.50 -14.64 18.98
C TYR A 24 0.06 -13.29 19.56
N VAL A 25 1.01 -12.40 19.81
CA VAL A 25 0.68 -11.07 20.33
C VAL A 25 -0.16 -10.28 19.32
N LEU A 26 0.13 -10.42 18.02
CA LEU A 26 -0.55 -9.65 16.98
C LEU A 26 -1.90 -10.25 16.58
N GLN A 27 -2.23 -11.44 17.06
CA GLN A 27 -3.48 -12.10 16.68
C GLN A 27 -4.66 -11.24 17.09
N ASP A 28 -5.48 -10.87 16.10
CA ASP A 28 -6.70 -10.09 16.32
C ASP A 28 -6.41 -8.76 17.00
N ALA A 29 -5.21 -8.23 16.82
CA ALA A 29 -4.86 -6.92 17.32
C ALA A 29 -5.50 -5.83 16.47
N ARG A 30 -5.51 -4.61 17.00
CA ARG A 30 -5.76 -3.41 16.23
C ARG A 30 -4.47 -2.60 16.16
N PHE A 31 -4.34 -1.84 15.08
CA PHE A 31 -3.07 -1.18 14.76
C PHE A 31 -3.34 0.28 14.47
N PHE A 32 -2.47 1.16 14.99
CA PHE A 32 -2.58 2.58 14.72
C PHE A 32 -1.23 3.16 14.34
N LEU A 33 -1.24 3.98 13.28
CA LEU A 33 -0.08 4.74 12.87
C LEU A 33 0.10 5.91 13.82
N ILE A 34 1.33 6.11 14.29
CA ILE A 34 1.67 7.21 15.17
C ILE A 34 2.72 8.04 14.46
N LYS A 35 2.46 9.33 14.30
CA LYS A 35 3.40 10.24 13.64
C LYS A 35 3.92 11.21 14.69
N SER A 36 5.23 11.22 14.89
CA SER A 36 5.87 12.14 15.81
C SER A 36 6.60 13.20 15.00
N ASN A 37 6.58 14.44 15.48
CA ASN A 37 7.28 15.49 14.74
C ASN A 37 8.79 15.43 14.97
N ASN A 38 9.24 14.72 15.99
CA ASN A 38 10.67 14.73 16.30
C ASN A 38 11.11 13.38 16.85
N HIS A 39 12.40 13.09 16.65
CA HIS A 39 12.99 11.89 17.23
C HIS A 39 12.99 11.92 18.75
N GLU A 40 13.08 13.11 19.36
CA GLU A 40 13.20 13.20 20.82
C GLU A 40 12.01 12.53 21.52
N ASN A 41 10.80 12.69 20.98
CA ASN A 41 9.67 12.09 21.67
C ASN A 41 9.66 10.57 21.51
N VAL A 42 10.11 10.04 20.38
CA VAL A 42 10.16 8.58 20.26
C VAL A 42 11.25 8.01 21.16
N SER A 43 12.37 8.72 21.28
CA SER A 43 13.42 8.29 22.20
CA SER A 43 13.42 8.30 22.20
C SER A 43 12.91 8.26 23.63
N LEU A 44 12.19 9.31 24.04
CA LEU A 44 11.63 9.35 25.39
C LEU A 44 10.64 8.21 25.60
N ALA A 45 9.82 7.92 24.58
CA ALA A 45 8.85 6.86 24.68
C ALA A 45 9.52 5.49 24.80
N LYS A 46 10.63 5.29 24.08
CA LYS A 46 11.38 4.04 24.17
C LYS A 46 12.03 3.87 25.54
N ALA A 47 12.40 4.98 26.18
CA ALA A 47 13.08 4.92 27.46
C ALA A 47 12.11 4.76 28.62
N LYS A 48 10.95 5.41 28.55
CA LYS A 48 10.01 5.50 29.66
C LYS A 48 8.77 4.65 29.49
N GLY A 49 8.58 4.06 28.31
CA GLY A 49 7.43 3.20 28.11
C GLY A 49 6.10 3.93 28.19
N VAL A 50 6.02 5.13 27.61
CA VAL A 50 4.82 5.96 27.67
C VAL A 50 4.58 6.62 26.32
N TRP A 51 3.33 6.98 26.07
CA TRP A 51 3.02 7.79 24.89
C TRP A 51 1.83 8.68 25.20
N SER A 52 1.80 9.82 24.51
CA SER A 52 0.70 10.77 24.59
CA SER A 52 0.68 10.76 24.59
C SER A 52 0.36 11.26 23.18
N THR A 53 -0.91 11.61 22.98
CA THR A 53 -1.34 12.02 21.65
C THR A 53 -2.45 13.05 21.77
N LEU A 54 -2.90 13.56 20.63
CA LEU A 54 -3.98 14.55 20.62
C LEU A 54 -5.25 13.94 21.21
N PRO A 55 -6.12 14.78 21.81
CA PRO A 55 -7.34 14.24 22.42
C PRO A 55 -8.20 13.43 21.46
N VAL A 56 -8.35 13.86 20.20
CA VAL A 56 -9.11 13.08 19.22
C VAL A 56 -8.55 11.68 19.08
N ASN A 57 -7.21 11.55 19.05
CA ASN A 57 -6.60 10.24 18.93
C ASN A 57 -6.66 9.48 20.25
N GLU A 58 -6.51 10.21 21.37
CA GLU A 58 -6.64 9.59 22.68
C GLU A 58 -7.99 8.91 22.84
N LYS A 59 -9.07 9.56 22.39
CA LYS A 59 -10.38 8.91 22.47
C LYS A 59 -10.43 7.64 21.64
N LYS A 60 -9.83 7.67 20.44
CA LYS A 60 -9.83 6.46 19.61
C LYS A 60 -9.07 5.33 20.28
N LEU A 61 -7.90 5.62 20.86
CA LEU A 61 -7.08 4.57 21.46
C LEU A 61 -7.74 4.00 22.71
N ASN A 62 -8.40 4.83 23.51
CA ASN A 62 -9.10 4.32 24.69
C ASN A 62 -10.22 3.38 24.28
N LEU A 63 -10.99 3.75 23.26
CA LEU A 63 -12.02 2.83 22.76
C LEU A 63 -11.41 1.51 22.34
N ALA A 64 -10.33 1.56 21.55
CA ALA A 64 -9.71 0.36 21.01
C ALA A 64 -9.13 -0.52 22.11
N PHE A 65 -8.58 0.11 23.16
CA PHE A 65 -7.93 -0.67 24.21
C PHE A 65 -8.92 -1.57 24.94
N ARG A 66 -10.16 -1.11 25.11
CA ARG A 66 -11.18 -1.94 25.73
C ARG A 66 -11.74 -3.00 24.78
N SER A 67 -11.54 -2.82 23.47
CA SER A 67 -12.21 -3.63 22.47
C SER A 67 -11.39 -4.82 21.97
N ALA A 68 -10.07 -4.77 22.05
CA ALA A 68 -9.23 -5.75 21.38
C ALA A 68 -8.20 -6.32 22.34
N ARG A 69 -7.72 -7.53 22.01
CA ARG A 69 -6.74 -8.20 22.85
C ARG A 69 -5.40 -7.47 22.88
N SER A 70 -5.03 -6.80 21.78
CA SER A 70 -3.81 -6.01 21.71
C SER A 70 -4.11 -4.78 20.87
N VAL A 71 -3.64 -3.62 21.31
CA VAL A 71 -3.64 -2.41 20.48
C VAL A 71 -2.18 -2.06 20.22
N ILE A 72 -1.80 -1.98 18.94
CA ILE A 72 -0.40 -1.82 18.53
C ILE A 72 -0.23 -0.42 17.97
N LEU A 73 0.75 0.32 18.48
CA LEU A 73 1.14 1.62 17.91
C LEU A 73 2.39 1.43 17.07
N ILE A 74 2.34 1.89 15.82
CA ILE A 74 3.48 1.81 14.91
C ILE A 74 3.99 3.23 14.68
N PHE A 75 5.25 3.48 15.05
CA PHE A 75 5.77 4.84 15.18
C PHE A 75 6.54 5.27 13.95
N SER A 76 6.30 6.51 13.51
CA SER A 76 7.11 7.12 12.47
C SER A 76 7.40 8.59 12.78
N VAL A 77 8.67 8.95 12.80
CA VAL A 77 9.09 10.35 12.91
C VAL A 77 8.91 11.02 11.56
N ARG A 78 8.20 12.15 11.54
CA ARG A 78 7.97 12.85 10.28
C ARG A 78 9.30 13.26 9.67
N GLU A 79 9.38 13.11 8.35
CA GLU A 79 10.53 13.44 7.50
C GLU A 79 11.66 12.42 7.61
N SER A 80 11.54 11.37 8.42
CA SER A 80 12.65 10.45 8.58
C SER A 80 12.68 9.38 7.49
N GLY A 81 11.58 9.17 6.79
CA GLY A 81 11.52 8.10 5.82
C GLY A 81 11.49 6.71 6.39
N LYS A 82 11.21 6.56 7.68
CA LYS A 82 11.25 5.26 8.32
C LYS A 82 10.20 5.19 9.40
N PHE A 83 9.91 3.95 9.81
CA PHE A 83 9.28 3.66 11.10
C PHE A 83 10.38 3.38 12.11
N GLN A 84 10.15 3.76 13.37
CA GLN A 84 11.14 3.56 14.41
C GLN A 84 10.82 2.41 15.35
N GLY A 85 9.71 1.72 15.15
CA GLY A 85 9.42 0.54 15.95
C GLY A 85 7.94 0.45 16.22
N PHE A 86 7.54 -0.48 17.09
CA PHE A 86 6.14 -0.54 17.47
C PHE A 86 5.97 -1.12 18.86
N ALA A 87 4.82 -0.81 19.48
CA ALA A 87 4.61 -1.04 20.90
C ALA A 87 3.14 -1.41 21.12
N ARG A 88 2.87 -2.06 22.25
CA ARG A 88 1.52 -2.48 22.60
C ARG A 88 1.02 -1.64 23.77
N LEU A 89 -0.19 -1.10 23.66
CA LEU A 89 -0.80 -0.40 24.79
C LEU A 89 -0.94 -1.35 25.97
N SER A 90 -0.53 -0.90 27.14
CA SER A 90 -0.77 -1.69 28.34
C SER A 90 -1.75 -1.01 29.30
N SER A 91 -2.25 0.16 28.96
CA SER A 91 -3.23 0.88 29.77
C SER A 91 -4.01 1.84 28.87
N GLU A 92 -5.16 2.29 29.37
CA GLU A 92 -5.82 3.46 28.82
C GLU A 92 -5.09 4.72 29.25
N SER A 93 -5.48 5.87 28.70
CA SER A 93 -4.78 7.09 29.06
C SER A 93 -5.13 7.49 30.50
N HIS A 94 -4.19 8.16 31.16
CA HIS A 94 -4.40 8.67 32.49
C HIS A 94 -3.74 10.03 32.62
N HIS A 95 -4.34 10.89 33.43
CA HIS A 95 -3.87 12.24 33.67
C HIS A 95 -3.42 12.40 35.12
N GLY A 96 -2.52 13.35 35.35
CA GLY A 96 -2.10 13.71 36.70
C GLY A 96 -0.78 13.13 37.15
N GLY A 97 -0.22 12.17 36.42
CA GLY A 97 1.10 11.67 36.73
C GLY A 97 2.17 12.74 36.52
N SER A 98 3.35 12.46 37.04
CA SER A 98 4.46 13.40 36.93
C SER A 98 4.70 13.75 35.46
N PRO A 99 4.72 15.03 35.09
CA PRO A 99 4.65 15.40 33.65
C PRO A 99 5.84 14.91 32.85
N ILE A 100 5.57 14.40 31.65
CA ILE A 100 6.59 13.98 30.71
C ILE A 100 7.02 15.16 29.86
N HIS A 101 8.34 15.32 29.70
CA HIS A 101 8.92 16.48 29.02
C HIS A 101 8.92 16.32 27.50
N TRP A 102 7.71 16.19 26.94
CA TRP A 102 7.60 16.09 25.48
C TRP A 102 8.11 17.37 24.83
N VAL A 103 8.69 17.23 23.64
CA VAL A 103 8.97 18.38 22.79
C VAL A 103 7.71 18.73 22.01
N LEU A 104 7.17 19.91 22.24
CA LEU A 104 5.85 20.27 21.71
C LEU A 104 6.01 20.94 20.36
N PRO A 105 5.21 20.53 19.36
CA PRO A 105 5.27 21.20 18.05
C PRO A 105 4.92 22.67 18.16
N ALA A 106 5.43 23.43 17.19
CA ALA A 106 5.27 24.89 17.04
C ALA A 106 4.05 25.47 17.75
N GLY A 107 2.86 25.09 17.31
CA GLY A 107 1.64 25.70 17.81
C GLY A 107 0.71 24.79 18.57
N MET A 108 1.18 24.19 19.67
CA MET A 108 0.31 23.42 20.55
C MET A 108 0.89 23.39 21.95
N SER A 109 -0.01 23.32 22.93
CA SER A 109 0.35 23.41 24.34
C SER A 109 0.49 22.02 24.95
N ALA A 110 0.89 21.99 26.23
CA ALA A 110 1.12 20.73 26.91
C ALA A 110 -0.16 20.12 27.47
N LYS A 111 -1.23 20.90 27.60
CA LYS A 111 -2.49 20.33 28.06
C LYS A 111 -3.06 19.36 27.04
N MET A 112 -2.72 19.54 25.77
CA MET A 112 -3.19 18.62 24.74
C MET A 112 -2.66 17.21 24.96
N LEU A 113 -1.38 17.09 25.31
CA LEU A 113 -0.74 15.79 25.52
C LEU A 113 -0.76 15.36 26.98
N GLY A 114 -1.83 15.69 27.71
CA GLY A 114 -1.89 15.31 29.11
C GLY A 114 -2.20 13.85 29.34
N GLY A 115 -2.99 13.24 28.46
CA GLY A 115 -3.32 11.83 28.62
C GLY A 115 -2.12 10.96 28.30
N VAL A 116 -1.68 10.16 29.26
CA VAL A 116 -0.49 9.32 29.13
C VAL A 116 -0.91 7.86 29.08
N PHE A 117 -0.50 7.16 28.02
CA PHE A 117 -0.65 5.72 27.91
C PHE A 117 0.64 5.03 28.32
N LYS A 118 0.54 3.94 29.07
CA LYS A 118 1.67 3.04 29.27
C LYS A 118 1.74 2.09 28.08
N ILE A 119 2.96 1.83 27.60
CA ILE A 119 3.19 0.96 26.45
C ILE A 119 4.33 0.01 26.76
N ASP A 120 4.27 -1.17 26.16
CA ASP A 120 5.36 -2.15 26.16
C ASP A 120 5.90 -2.27 24.75
N TRP A 121 7.19 -2.00 24.58
CA TRP A 121 7.77 -2.08 23.26
C TRP A 121 7.86 -3.52 22.79
N ILE A 122 7.55 -3.74 21.51
CA ILE A 122 7.67 -5.07 20.91
C ILE A 122 8.87 -5.08 19.98
N CYS A 123 9.18 -3.92 19.39
CA CYS A 123 10.32 -3.80 18.50
C CYS A 123 10.80 -2.37 18.55
N ARG A 124 12.07 -2.16 18.92
CA ARG A 124 12.68 -0.83 18.90
C ARG A 124 13.55 -0.59 17.66
N ARG A 125 13.53 -1.50 16.70
CA ARG A 125 14.32 -1.36 15.48
C ARG A 125 13.55 -0.55 14.44
N GLU A 126 14.29 0.03 13.49
CA GLU A 126 13.72 0.82 12.40
C GLU A 126 13.33 -0.06 11.22
N LEU A 127 12.44 0.47 10.38
CA LEU A 127 12.08 -0.11 9.09
C LEU A 127 11.91 1.02 8.09
N PRO A 128 12.72 1.06 7.03
CA PRO A 128 12.57 2.13 6.04
C PRO A 128 11.29 1.96 5.22
N PHE A 129 10.72 3.10 4.82
CA PHE A 129 9.50 3.07 4.01
C PHE A 129 9.69 2.27 2.73
N THR A 130 10.92 2.24 2.18
CA THR A 130 11.14 1.49 0.96
C THR A 130 10.81 0.01 1.11
N LYS A 131 10.91 -0.53 2.32
CA LYS A 131 10.57 -1.93 2.54
C LYS A 131 9.07 -2.20 2.72
N SER A 132 8.25 -1.19 2.96
CA SER A 132 6.81 -1.40 3.12
C SER A 132 6.00 -0.94 1.92
N ALA A 133 6.65 -0.69 0.77
CA ALA A 133 5.95 -0.11 -0.36
C ALA A 133 4.88 -1.03 -0.95
N HIS A 134 4.94 -2.32 -0.65
CA HIS A 134 3.97 -3.28 -1.18
C HIS A 134 2.75 -3.45 -0.29
N LEU A 135 2.65 -2.69 0.80
CA LEU A 135 1.54 -2.81 1.74
C LEU A 135 0.69 -1.55 1.69
N THR A 136 -0.61 -1.72 1.47
CA THR A 136 -1.53 -0.60 1.45
C THR A 136 -2.58 -0.76 2.54
N ASN A 137 -3.10 0.38 2.99
CA ASN A 137 -4.03 0.43 4.10
C ASN A 137 -5.43 0.65 3.58
N PRO A 138 -6.30 -0.35 3.63
CA PRO A 138 -7.69 -0.16 3.18
C PRO A 138 -8.41 0.95 3.91
N TRP A 139 -8.06 1.25 5.16
CA TRP A 139 -8.73 2.31 5.88
C TRP A 139 -8.18 3.70 5.55
N ASN A 140 -7.18 3.79 4.68
CA ASN A 140 -6.77 5.08 4.12
C ASN A 140 -6.70 4.99 2.60
N GLU A 141 -7.82 4.57 2.00
CA GLU A 141 -7.97 4.61 0.55
C GLU A 141 -6.93 3.75 -0.17
N HIS A 142 -6.48 2.69 0.49
CA HIS A 142 -5.46 1.79 -0.05
C HIS A 142 -4.20 2.52 -0.47
N LYS A 143 -3.92 3.65 0.18
CA LYS A 143 -2.63 4.30 0.03
C LYS A 143 -1.55 3.47 0.75
N PRO A 144 -0.30 3.55 0.29
CA PRO A 144 0.78 2.85 1.00
C PRO A 144 0.74 3.14 2.49
N VAL A 145 1.03 2.12 3.30
CA VAL A 145 0.73 2.22 4.73
C VAL A 145 1.54 3.34 5.39
N LYS A 146 2.70 3.70 4.83
CA LYS A 146 3.47 4.83 5.35
C LYS A 146 2.66 6.14 5.35
N ILE A 147 1.68 6.28 4.46
CA ILE A 147 0.92 7.52 4.35
C ILE A 147 -0.26 7.49 5.30
N GLY A 148 -0.39 8.54 6.10
CA GLY A 148 -1.53 8.69 6.98
C GLY A 148 -1.26 9.70 8.07
N ARG A 149 -2.34 10.25 8.60
CA ARG A 149 -2.24 11.20 9.71
C ARG A 149 -1.91 10.46 10.99
N ASP A 150 -1.39 11.20 11.97
CA ASP A 150 -1.23 10.69 13.33
C ASP A 150 -2.55 10.12 13.82
N GLY A 151 -2.54 8.86 14.26
CA GLY A 151 -3.74 8.22 14.75
C GLY A 151 -4.52 7.39 13.75
N GLN A 152 -4.06 7.33 12.49
CA GLN A 152 -4.77 6.57 11.46
C GLN A 152 -4.78 5.08 11.78
N GLU A 153 -5.97 4.47 11.80
CA GLU A 153 -6.01 3.04 12.06
C GLU A 153 -5.56 2.27 10.83
N ILE A 154 -4.80 1.20 11.05
CA ILE A 154 -4.33 0.32 9.98
C ILE A 154 -5.09 -1.00 10.07
N GLU A 155 -5.68 -1.41 8.94
CA GLU A 155 -6.43 -2.66 8.88
C GLU A 155 -5.57 -3.85 9.31
N LEU A 156 -6.24 -4.86 9.90
CA LEU A 156 -5.61 -6.02 10.52
C LEU A 156 -4.50 -6.66 9.67
N GLU A 157 -4.83 -7.04 8.42
CA GLU A 157 -3.86 -7.76 7.59
C GLU A 157 -2.67 -6.89 7.23
N CYS A 158 -2.94 -5.65 6.80
CA CYS A 158 -1.85 -4.70 6.53
C CYS A 158 -0.98 -4.51 7.76
N GLY A 159 -1.61 -4.26 8.91
CA GLY A 159 -0.85 -3.99 10.11
C GLY A 159 -0.03 -5.17 10.56
N THR A 160 -0.59 -6.38 10.46
CA THR A 160 0.15 -7.57 10.84
C THR A 160 1.37 -7.75 9.95
N GLN A 161 1.18 -7.59 8.63
CA GLN A 161 2.30 -7.79 7.72
C GLN A 161 3.35 -6.69 7.91
N LEU A 162 2.92 -5.46 8.19
CA LEU A 162 3.88 -4.39 8.46
C LEU A 162 4.76 -4.72 9.68
N CYS A 163 4.14 -5.18 10.75
CA CYS A 163 4.93 -5.49 11.95
C CYS A 163 5.91 -6.64 11.68
N LEU A 164 5.49 -7.63 10.89
CA LEU A 164 6.36 -8.75 10.57
C LEU A 164 7.54 -8.37 9.68
N LEU A 165 7.50 -7.21 9.00
CA LEU A 165 8.62 -6.75 8.19
C LEU A 165 9.77 -6.24 9.03
N PHE A 166 9.51 -5.77 10.25
CA PHE A 166 10.56 -5.17 11.04
C PHE A 166 11.64 -6.21 11.34
N PRO A 167 12.90 -5.80 11.40
CA PRO A 167 13.95 -6.69 11.88
C PRO A 167 13.61 -7.19 13.28
N PRO A 168 13.88 -8.45 13.58
CA PRO A 168 13.61 -8.95 14.94
C PRO A 168 14.43 -8.18 15.97
N ASP A 169 13.81 -7.90 17.12
CA ASP A 169 14.45 -7.19 18.23
C ASP A 169 14.74 -8.23 19.28
N GLU A 170 15.97 -8.76 19.28
CA GLU A 170 16.31 -9.86 20.17
C GLU A 170 16.47 -9.40 21.61
N SER A 171 16.42 -8.10 21.89
CA SER A 171 16.50 -7.64 23.27
C SER A 171 15.16 -7.76 24.00
N ILE A 172 14.07 -8.06 23.30
CA ILE A 172 12.74 -8.04 23.89
C ILE A 172 12.27 -9.47 24.09
N ASP A 173 11.66 -9.73 25.25
CA ASP A 173 11.08 -11.03 25.59
C ASP A 173 9.57 -10.82 25.64
N LEU A 174 8.84 -11.41 24.67
CA LEU A 174 7.39 -11.24 24.63
C LEU A 174 6.64 -12.09 25.65
N TYR A 175 7.32 -12.91 26.43
CA TYR A 175 6.64 -13.70 27.44
C TYR A 175 5.83 -12.83 28.40
N GLN A 176 6.38 -11.67 28.79
CA GLN A 176 5.72 -10.83 29.78
C GLN A 176 4.52 -10.10 29.16
N VAL A 177 4.65 -9.66 27.91
CA VAL A 177 3.50 -9.08 27.21
C VAL A 177 2.37 -10.09 27.10
N ILE A 178 2.69 -11.34 26.74
CA ILE A 178 1.65 -12.35 26.55
C ILE A 178 0.82 -12.53 27.81
N HIS A 179 1.46 -12.40 28.99
CA HIS A 179 0.71 -12.51 30.23
C HIS A 179 -0.30 -11.39 30.42
N LYS A 180 0.02 -10.17 29.98
CA LYS A 180 -0.89 -9.04 30.17
C LYS A 180 -2.15 -9.13 29.32
N MET A 181 -2.19 -10.03 28.35
CA MET A 181 -3.27 -10.09 27.39
C MET A 181 -4.51 -10.76 28.00
N GLY B 18 18.53 2.80 -20.77
CA GLY B 18 18.26 2.58 -22.18
C GLY B 18 17.00 1.76 -22.36
N THR B 19 16.59 1.58 -23.62
CA THR B 19 15.31 0.95 -23.93
C THR B 19 15.44 -0.49 -24.39
N SER B 20 16.65 -1.08 -24.35
CA SER B 20 16.84 -2.42 -24.91
C SER B 20 15.99 -3.45 -24.15
N LYS B 21 16.00 -3.37 -22.83
CA LYS B 21 15.23 -4.32 -22.03
C LYS B 21 13.74 -4.19 -22.28
N LEU B 22 13.23 -2.96 -22.23
CA LEU B 22 11.81 -2.74 -22.44
C LEU B 22 11.38 -3.19 -23.83
N LYS B 23 12.17 -2.85 -24.86
CA LYS B 23 11.79 -3.26 -26.21
C LYS B 23 11.73 -4.78 -26.31
N TYR B 24 12.64 -5.46 -25.63
CA TYR B 24 12.63 -6.92 -25.61
C TYR B 24 11.34 -7.43 -24.98
N VAL B 25 10.92 -6.82 -23.86
CA VAL B 25 9.70 -7.27 -23.19
C VAL B 25 8.48 -7.03 -24.07
N LEU B 26 8.49 -5.97 -24.87
CA LEU B 26 7.32 -5.60 -25.67
C LEU B 26 7.31 -6.25 -27.05
N GLN B 27 8.32 -7.04 -27.40
CA GLN B 27 8.32 -7.70 -28.70
C GLN B 27 7.16 -8.69 -28.76
N ASP B 28 6.36 -8.59 -29.82
CA ASP B 28 5.22 -9.50 -30.04
C ASP B 28 4.17 -9.40 -28.94
N ALA B 29 4.02 -8.24 -28.34
CA ALA B 29 3.08 -8.09 -27.23
C ALA B 29 1.68 -7.72 -27.73
N ARG B 30 0.68 -8.01 -26.90
CA ARG B 30 -0.64 -7.44 -27.09
C ARG B 30 -0.87 -6.45 -25.96
N PHE B 31 -1.67 -5.41 -26.24
CA PHE B 31 -1.82 -4.25 -25.36
C PHE B 31 -3.29 -3.98 -25.12
N PHE B 32 -3.66 -3.71 -23.86
CA PHE B 32 -5.06 -3.43 -23.54
C PHE B 32 -5.16 -2.22 -22.61
N LEU B 33 -6.06 -1.30 -22.95
CA LEU B 33 -6.37 -0.18 -22.08
C LEU B 33 -7.23 -0.66 -20.91
N ILE B 34 -6.87 -0.24 -19.70
CA ILE B 34 -7.58 -0.58 -18.47
C ILE B 34 -8.05 0.72 -17.84
N LYS B 35 -9.35 0.83 -17.59
CA LYS B 35 -9.89 2.01 -16.92
C LYS B 35 -10.35 1.68 -15.51
N SER B 36 -9.92 2.50 -14.56
CA SER B 36 -10.37 2.41 -13.18
C SER B 36 -11.25 3.61 -12.84
N ASN B 37 -12.24 3.40 -11.98
CA ASN B 37 -13.10 4.52 -11.62
C ASN B 37 -12.44 5.46 -10.64
N ASN B 38 -11.40 5.02 -9.94
CA ASN B 38 -10.76 5.84 -8.93
C ASN B 38 -9.30 5.43 -8.82
N HIS B 39 -8.55 6.21 -8.07
CA HIS B 39 -7.15 5.90 -7.82
C HIS B 39 -6.97 4.78 -6.82
N GLU B 40 -7.96 4.51 -5.97
CA GLU B 40 -7.78 3.55 -4.89
C GLU B 40 -7.48 2.17 -5.44
N ASN B 41 -8.21 1.73 -6.46
CA ASN B 41 -8.01 0.38 -6.96
C ASN B 41 -6.67 0.24 -7.67
N VAL B 42 -6.21 1.32 -8.32
CA VAL B 42 -4.90 1.27 -8.96
C VAL B 42 -3.80 1.22 -7.90
N SER B 43 -3.98 1.96 -6.80
CA SER B 43 -2.98 1.93 -5.74
C SER B 43 -2.85 0.54 -5.14
N LEU B 44 -3.98 -0.12 -4.90
CA LEU B 44 -3.98 -1.49 -4.43
C LEU B 44 -3.25 -2.40 -5.41
N ALA B 45 -3.55 -2.26 -6.69
CA ALA B 45 -2.99 -3.13 -7.72
C ALA B 45 -1.50 -2.90 -7.87
N LYS B 46 -1.06 -1.65 -7.76
CA LYS B 46 0.37 -1.34 -7.90
C LYS B 46 1.20 -1.98 -6.81
N ALA B 47 0.64 -2.04 -5.59
CA ALA B 47 1.38 -2.58 -4.46
C ALA B 47 1.37 -4.10 -4.44
N LYS B 48 0.22 -4.70 -4.78
CA LYS B 48 0.05 -6.14 -4.68
C LYS B 48 0.32 -6.90 -5.97
N GLY B 49 0.35 -6.22 -7.11
CA GLY B 49 0.57 -6.95 -8.36
C GLY B 49 -0.60 -7.80 -8.80
N VAL B 50 -1.82 -7.27 -8.72
CA VAL B 50 -3.04 -7.97 -9.11
C VAL B 50 -3.96 -7.03 -9.87
N TRP B 51 -4.81 -7.61 -10.71
CA TRP B 51 -5.90 -6.88 -11.35
C TRP B 51 -7.08 -7.81 -11.56
N SER B 52 -8.27 -7.22 -11.52
CA SER B 52 -9.52 -7.87 -11.90
C SER B 52 -10.32 -6.97 -12.83
N THR B 53 -11.08 -7.58 -13.74
CA THR B 53 -11.86 -6.81 -14.68
C THR B 53 -13.19 -7.52 -14.91
N LEU B 54 -14.03 -6.91 -15.75
CA LEU B 54 -15.36 -7.46 -16.03
C LEU B 54 -15.22 -8.74 -16.84
N PRO B 55 -16.19 -9.65 -16.73
CA PRO B 55 -15.97 -10.99 -17.31
C PRO B 55 -15.74 -10.98 -18.80
N VAL B 56 -16.32 -10.03 -19.53
CA VAL B 56 -16.09 -9.93 -20.97
C VAL B 56 -14.63 -9.62 -21.24
N ASN B 57 -14.08 -8.67 -20.50
CA ASN B 57 -12.66 -8.35 -20.63
C ASN B 57 -11.78 -9.46 -20.08
N GLU B 58 -12.24 -10.15 -19.02
CA GLU B 58 -11.47 -11.26 -18.48
C GLU B 58 -11.24 -12.34 -19.53
N LYS B 59 -12.29 -12.67 -20.30
CA LYS B 59 -12.12 -13.67 -21.35
C LYS B 59 -11.12 -13.21 -22.40
N LYS B 60 -11.22 -11.94 -22.82
CA LYS B 60 -10.29 -11.43 -23.83
C LYS B 60 -8.85 -11.53 -23.33
N LEU B 61 -8.60 -11.14 -22.08
CA LEU B 61 -7.25 -11.15 -21.54
C LEU B 61 -6.71 -12.57 -21.38
N ASN B 62 -7.56 -13.52 -20.98
CA ASN B 62 -7.09 -14.90 -20.88
C ASN B 62 -6.73 -15.46 -22.24
N LEU B 63 -7.54 -15.18 -23.27
CA LEU B 63 -7.18 -15.59 -24.62
C LEU B 63 -5.84 -15.00 -25.03
N ALA B 64 -5.65 -13.70 -24.79
CA ALA B 64 -4.42 -13.05 -25.21
C ALA B 64 -3.22 -13.61 -24.47
N PHE B 65 -3.40 -13.98 -23.19
CA PHE B 65 -2.29 -14.52 -22.41
C PHE B 65 -1.75 -15.81 -23.01
N ARG B 66 -2.64 -16.65 -23.57
CA ARG B 66 -2.23 -17.90 -24.16
C ARG B 66 -1.72 -17.75 -25.58
N SER B 67 -2.01 -16.61 -26.22
CA SER B 67 -1.64 -16.38 -27.62
C SER B 67 -0.39 -15.54 -27.78
N ALA B 68 -0.07 -14.71 -26.79
CA ALA B 68 0.91 -13.65 -26.95
C ALA B 68 2.11 -13.89 -26.03
N ARG B 69 3.28 -13.44 -26.49
CA ARG B 69 4.49 -13.56 -25.68
C ARG B 69 4.41 -12.71 -24.42
N SER B 70 3.80 -11.52 -24.53
CA SER B 70 3.52 -10.64 -23.40
C SER B 70 2.17 -9.98 -23.61
N VAL B 71 1.40 -9.84 -22.53
CA VAL B 71 0.15 -9.09 -22.54
C VAL B 71 0.30 -7.91 -21.60
N ILE B 72 0.15 -6.70 -22.13
CA ILE B 72 0.44 -5.47 -21.42
C ILE B 72 -0.87 -4.76 -21.13
N LEU B 73 -1.09 -4.43 -19.85
CA LEU B 73 -2.20 -3.60 -19.43
C LEU B 73 -1.71 -2.17 -19.20
N ILE B 74 -2.37 -1.20 -19.85
CA ILE B 74 -2.02 0.21 -19.70
C ILE B 74 -3.16 0.89 -18.97
N PHE B 75 -2.88 1.43 -17.78
CA PHE B 75 -3.90 1.90 -16.84
C PHE B 75 -4.22 3.38 -17.02
N SER B 76 -5.52 3.71 -16.98
CA SER B 76 -5.96 5.10 -16.93
C SER B 76 -7.14 5.22 -15.97
N VAL B 77 -7.03 6.11 -14.99
CA VAL B 77 -8.15 6.38 -14.09
C VAL B 77 -9.08 7.38 -14.77
N ARG B 78 -10.38 7.06 -14.76
CA ARG B 78 -11.38 7.90 -15.43
C ARG B 78 -11.30 9.34 -14.94
N GLU B 79 -11.32 10.27 -15.88
CA GLU B 79 -11.35 11.70 -15.65
C GLU B 79 -10.04 12.23 -15.07
N SER B 80 -8.96 11.44 -15.09
CA SER B 80 -7.69 11.92 -14.56
C SER B 80 -6.86 12.67 -15.59
N GLY B 81 -7.14 12.48 -16.88
CA GLY B 81 -6.32 13.09 -17.91
C GLY B 81 -4.96 12.46 -18.08
N LYS B 82 -4.74 11.29 -17.50
CA LYS B 82 -3.42 10.64 -17.51
C LYS B 82 -3.56 9.13 -17.60
N PHE B 83 -2.45 8.50 -17.96
CA PHE B 83 -2.18 7.09 -17.69
C PHE B 83 -1.40 7.02 -16.40
N GLN B 84 -1.65 5.97 -15.61
CA GLN B 84 -0.97 5.82 -14.32
C GLN B 84 0.13 4.76 -14.33
N GLY B 85 0.36 4.10 -15.46
CA GLY B 85 1.42 3.12 -15.56
C GLY B 85 1.02 1.95 -16.43
N PHE B 86 1.88 0.94 -16.55
CA PHE B 86 1.54 -0.25 -17.31
C PHE B 86 2.24 -1.46 -16.69
N ALA B 87 1.66 -2.63 -16.98
CA ALA B 87 2.01 -3.88 -16.31
C ALA B 87 1.84 -5.03 -17.28
N ARG B 88 2.51 -6.14 -16.98
CA ARG B 88 2.46 -7.33 -17.82
C ARG B 88 1.77 -8.48 -17.07
N LEU B 89 0.82 -9.14 -17.73
CA LEU B 89 0.20 -10.34 -17.13
C LEU B 89 1.27 -11.42 -16.88
N SER B 90 1.27 -11.96 -15.67
CA SER B 90 2.11 -13.13 -15.45
C SER B 90 1.30 -14.41 -15.33
N SER B 91 -0.02 -14.32 -15.29
CA SER B 91 -0.91 -15.46 -15.14
C SER B 91 -2.21 -15.17 -15.87
N GLU B 92 -2.91 -16.25 -16.24
CA GLU B 92 -4.33 -16.12 -16.54
C GLU B 92 -5.07 -15.75 -15.26
N SER B 93 -6.34 -15.42 -15.40
CA SER B 93 -7.13 -15.15 -14.21
C SER B 93 -7.29 -16.43 -13.41
N HIS B 94 -7.48 -16.28 -12.10
CA HIS B 94 -7.68 -17.44 -11.25
C HIS B 94 -8.71 -17.09 -10.20
N HIS B 95 -9.58 -18.06 -9.89
CA HIS B 95 -10.66 -17.87 -8.96
C HIS B 95 -10.37 -18.60 -7.65
N GLY B 96 -11.12 -18.23 -6.62
CA GLY B 96 -10.99 -18.92 -5.34
C GLY B 96 -9.71 -18.67 -4.59
N GLY B 97 -8.89 -17.72 -5.02
CA GLY B 97 -7.69 -17.35 -4.29
C GLY B 97 -8.01 -16.35 -3.20
N SER B 98 -6.94 -15.74 -2.67
CA SER B 98 -7.06 -14.74 -1.62
C SER B 98 -7.97 -13.60 -2.08
N PRO B 99 -9.10 -13.36 -1.41
CA PRO B 99 -10.05 -12.33 -1.90
C PRO B 99 -9.45 -10.92 -1.82
N ILE B 100 -9.45 -10.22 -2.95
CA ILE B 100 -9.03 -8.82 -3.04
C ILE B 100 -10.20 -7.93 -2.71
N HIS B 101 -9.94 -6.90 -1.90
CA HIS B 101 -11.00 -5.97 -1.50
C HIS B 101 -11.02 -4.74 -2.40
N TRP B 102 -11.23 -4.99 -3.68
CA TRP B 102 -11.46 -3.90 -4.62
C TRP B 102 -12.55 -3.00 -4.08
N VAL B 103 -12.34 -1.70 -4.20
CA VAL B 103 -13.47 -0.80 -3.99
C VAL B 103 -14.40 -1.10 -5.15
N LEU B 104 -15.46 -1.86 -4.86
CA LEU B 104 -16.37 -2.36 -5.89
C LEU B 104 -17.26 -1.24 -6.39
N PRO B 105 -17.31 -1.02 -7.70
CA PRO B 105 -18.24 0.00 -8.23
C PRO B 105 -19.67 -0.26 -7.80
N ALA B 106 -20.46 0.82 -7.71
CA ALA B 106 -21.85 0.71 -7.29
C ALA B 106 -22.57 -0.31 -8.15
N GLY B 107 -23.25 -1.24 -7.48
CA GLY B 107 -23.93 -2.32 -8.19
C GLY B 107 -23.00 -3.29 -8.88
N MET B 108 -21.86 -3.61 -8.26
CA MET B 108 -20.92 -4.58 -8.83
C MET B 108 -20.56 -5.60 -7.77
N SER B 109 -20.92 -6.86 -8.03
CA SER B 109 -20.61 -7.95 -7.14
C SER B 109 -19.12 -8.28 -7.18
N ALA B 110 -18.65 -8.95 -6.12
CA ALA B 110 -17.26 -9.40 -6.12
C ALA B 110 -17.05 -10.52 -7.14
N LYS B 111 -18.09 -11.33 -7.40
CA LYS B 111 -17.99 -12.37 -8.41
C LYS B 111 -17.86 -11.78 -9.81
N MET B 112 -18.37 -10.56 -10.01
CA MET B 112 -18.18 -9.89 -11.29
C MET B 112 -16.73 -9.51 -11.51
N LEU B 113 -16.01 -9.16 -10.44
CA LEU B 113 -14.57 -8.92 -10.48
C LEU B 113 -13.79 -10.11 -9.92
N GLY B 114 -14.36 -11.31 -10.08
CA GLY B 114 -13.63 -12.51 -9.81
C GLY B 114 -12.75 -12.87 -10.99
N GLY B 115 -11.80 -13.76 -10.73
CA GLY B 115 -10.72 -13.89 -11.66
C GLY B 115 -9.74 -12.83 -11.30
N VAL B 116 -8.67 -13.22 -10.63
CA VAL B 116 -7.58 -12.32 -10.29
C VAL B 116 -6.43 -12.67 -11.21
N PHE B 117 -5.98 -11.68 -11.99
CA PHE B 117 -4.75 -11.79 -12.75
C PHE B 117 -3.57 -11.37 -11.89
N LYS B 118 -2.51 -12.15 -11.91
CA LYS B 118 -1.23 -11.68 -11.40
C LYS B 118 -0.57 -10.80 -12.47
N ILE B 119 -0.07 -9.63 -12.07
CA ILE B 119 0.61 -8.74 -12.99
C ILE B 119 1.96 -8.34 -12.40
N ASP B 120 2.93 -8.07 -13.29
CA ASP B 120 4.21 -7.47 -12.92
C ASP B 120 4.24 -6.07 -13.51
N TRP B 121 4.34 -5.06 -12.65
CA TRP B 121 4.40 -3.69 -13.15
C TRP B 121 5.73 -3.42 -13.87
N ILE B 122 5.61 -2.70 -14.99
CA ILE B 122 6.79 -2.24 -15.72
C ILE B 122 7.04 -0.75 -15.50
N CYS B 123 5.99 0.03 -15.30
CA CYS B 123 6.13 1.43 -14.95
C CYS B 123 4.94 1.78 -14.07
N ARG B 124 5.20 2.44 -12.94
CA ARG B 124 4.13 2.92 -12.08
C ARG B 124 4.06 4.44 -12.08
N ARG B 125 4.77 5.10 -13.00
CA ARG B 125 4.74 6.55 -13.10
C ARG B 125 3.68 7.02 -14.10
N GLU B 126 3.22 8.25 -13.90
CA GLU B 126 2.16 8.80 -14.72
C GLU B 126 2.68 9.29 -16.07
N LEU B 127 1.78 9.25 -17.04
CA LEU B 127 2.02 9.85 -18.36
C LEU B 127 0.78 10.66 -18.70
N PRO B 128 0.87 11.99 -18.74
CA PRO B 128 -0.29 12.80 -19.09
C PRO B 128 -0.68 12.63 -20.55
N PHE B 129 -1.98 12.75 -20.82
CA PHE B 129 -2.49 12.61 -22.19
C PHE B 129 -1.84 13.62 -23.12
N THR B 130 -1.36 14.75 -22.58
CA THR B 130 -0.69 15.74 -23.41
C THR B 130 0.61 15.23 -24.01
N LYS B 131 1.11 14.10 -23.55
CA LYS B 131 2.33 13.52 -24.11
C LYS B 131 2.05 12.39 -25.10
N SER B 132 0.81 11.93 -25.22
CA SER B 132 0.47 10.88 -26.18
C SER B 132 -0.46 11.38 -27.29
N ALA B 133 -0.56 12.70 -27.45
CA ALA B 133 -1.55 13.26 -28.36
C ALA B 133 -1.27 12.92 -29.83
N HIS B 134 -0.03 12.56 -30.15
CA HIS B 134 0.34 12.22 -31.52
C HIS B 134 0.06 10.76 -31.89
N LEU B 135 -0.34 9.93 -30.92
CA LEU B 135 -0.52 8.51 -31.15
C LEU B 135 -1.99 8.17 -31.33
N THR B 136 -2.30 7.44 -32.39
CA THR B 136 -3.65 7.01 -32.71
C THR B 136 -3.66 5.49 -32.85
N ASN B 137 -4.77 4.88 -32.44
CA ASN B 137 -4.90 3.43 -32.41
C ASN B 137 -5.65 2.96 -33.64
N PRO B 138 -5.01 2.27 -34.60
CA PRO B 138 -5.73 1.81 -35.80
C PRO B 138 -6.88 0.86 -35.52
N TRP B 139 -6.85 0.13 -34.40
CA TRP B 139 -7.91 -0.81 -34.06
C TRP B 139 -9.04 -0.14 -33.29
N ASN B 140 -8.99 1.18 -33.14
CA ASN B 140 -10.09 1.99 -32.63
C ASN B 140 -10.33 3.19 -33.53
N GLU B 141 -10.44 2.92 -34.84
CA GLU B 141 -10.78 3.93 -35.84
C GLU B 141 -9.77 5.07 -35.89
N HIS B 142 -8.51 4.77 -35.57
CA HIS B 142 -7.42 5.73 -35.60
C HIS B 142 -7.72 6.96 -34.74
N LYS B 143 -8.48 6.77 -33.66
CA LYS B 143 -8.67 7.80 -32.67
C LYS B 143 -7.45 7.87 -31.75
N PRO B 144 -7.20 9.02 -31.12
CA PRO B 144 -6.05 9.13 -30.22
C PRO B 144 -6.13 8.05 -29.14
N VAL B 145 -4.96 7.52 -28.78
CA VAL B 145 -4.90 6.33 -27.96
C VAL B 145 -5.47 6.55 -26.57
N LYS B 146 -5.57 7.81 -26.11
CA LYS B 146 -6.21 8.09 -24.83
C LYS B 146 -7.70 7.76 -24.84
N ILE B 147 -8.30 7.64 -26.01
CA ILE B 147 -9.73 7.38 -26.14
C ILE B 147 -9.94 5.87 -26.21
N GLY B 148 -10.76 5.33 -25.31
CA GLY B 148 -11.15 3.93 -25.44
C GLY B 148 -11.94 3.49 -24.23
N ARG B 149 -12.54 2.32 -24.34
CA ARG B 149 -13.25 1.74 -23.22
C ARG B 149 -12.33 0.84 -22.40
N ASP B 150 -12.75 0.53 -21.19
CA ASP B 150 -12.08 -0.49 -20.42
C ASP B 150 -11.94 -1.75 -21.24
N GLY B 151 -10.71 -2.23 -21.41
CA GLY B 151 -10.44 -3.40 -22.21
C GLY B 151 -10.14 -3.15 -23.68
N GLN B 152 -10.08 -1.90 -24.13
CA GLN B 152 -9.87 -1.67 -25.56
C GLN B 152 -8.50 -2.17 -25.97
N GLU B 153 -8.44 -2.97 -27.04
CA GLU B 153 -7.15 -3.47 -27.48
C GLU B 153 -6.45 -2.42 -28.34
N ILE B 154 -5.14 -2.29 -28.11
CA ILE B 154 -4.31 -1.33 -28.79
C ILE B 154 -3.37 -2.08 -29.73
N GLU B 155 -3.35 -1.67 -31.00
CA GLU B 155 -2.50 -2.29 -32.00
C GLU B 155 -1.03 -2.20 -31.60
N LEU B 156 -0.24 -3.17 -32.07
CA LEU B 156 1.11 -3.44 -31.58
C LEU B 156 2.03 -2.22 -31.63
N GLU B 157 2.13 -1.57 -32.79
CA GLU B 157 3.05 -0.42 -32.90
C GLU B 157 2.56 0.75 -32.06
N CYS B 158 1.26 1.03 -32.05
CA CYS B 158 0.73 2.10 -31.21
C CYS B 158 1.01 1.84 -29.74
N GLY B 159 0.76 0.61 -29.28
CA GLY B 159 0.95 0.30 -27.88
C GLY B 159 2.41 0.32 -27.50
N THR B 160 3.28 -0.12 -28.40
CA THR B 160 4.72 -0.10 -28.15
C THR B 160 5.22 1.33 -27.99
N GLN B 161 4.83 2.22 -28.90
CA GLN B 161 5.26 3.61 -28.78
C GLN B 161 4.67 4.28 -27.55
N LEU B 162 3.41 3.97 -27.24
CA LEU B 162 2.82 4.49 -26.01
C LEU B 162 3.65 4.08 -24.78
N CYS B 163 3.97 2.79 -24.67
CA CYS B 163 4.74 2.37 -23.51
C CYS B 163 6.11 3.03 -23.47
N LEU B 164 6.72 3.26 -24.63
CA LEU B 164 8.03 3.89 -24.63
C LEU B 164 7.99 5.36 -24.22
N LEU B 165 6.81 5.97 -24.21
CA LEU B 165 6.69 7.37 -23.78
C LEU B 165 6.81 7.54 -22.28
N PHE B 166 6.56 6.48 -21.49
CA PHE B 166 6.58 6.62 -20.04
C PHE B 166 8.01 6.89 -19.55
N PRO B 167 8.14 7.64 -18.46
CA PRO B 167 9.48 7.87 -17.88
C PRO B 167 10.00 6.62 -17.21
N PRO B 168 11.32 6.51 -17.05
CA PRO B 168 11.89 5.36 -16.34
C PRO B 168 11.43 5.33 -14.90
N ASP B 169 11.17 4.13 -14.40
CA ASP B 169 10.70 3.93 -13.03
C ASP B 169 11.80 3.25 -12.24
N GLU B 170 12.44 4.00 -11.35
CA GLU B 170 13.57 3.47 -10.58
C GLU B 170 13.13 2.45 -9.54
N SER B 171 11.82 2.31 -9.28
CA SER B 171 11.38 1.30 -8.34
C SER B 171 11.19 -0.05 -8.99
N ILE B 172 11.33 -0.15 -10.30
CA ILE B 172 11.04 -1.37 -11.05
C ILE B 172 12.34 -2.01 -11.48
N ASP B 173 12.42 -3.34 -11.33
CA ASP B 173 13.52 -4.15 -11.83
C ASP B 173 12.93 -5.12 -12.86
N LEU B 174 13.32 -4.97 -14.11
CA LEU B 174 12.76 -5.83 -15.16
C LEU B 174 13.30 -7.25 -15.13
N TYR B 175 14.23 -7.55 -14.23
CA TYR B 175 14.92 -8.84 -14.26
C TYR B 175 13.94 -10.00 -14.10
N GLN B 176 12.96 -9.87 -13.19
CA GLN B 176 12.00 -10.94 -12.95
C GLN B 176 11.10 -11.16 -14.15
N VAL B 177 10.63 -10.08 -14.78
CA VAL B 177 9.83 -10.22 -16.00
C VAL B 177 10.62 -10.93 -17.07
N ILE B 178 11.85 -10.46 -17.34
CA ILE B 178 12.65 -11.04 -18.41
C ILE B 178 12.89 -12.52 -18.15
N HIS B 179 13.06 -12.91 -16.88
CA HIS B 179 13.38 -14.29 -16.55
C HIS B 179 12.20 -15.23 -16.73
N LYS B 180 10.97 -14.72 -16.87
CA LYS B 180 9.80 -15.56 -17.04
C LYS B 180 9.18 -15.42 -18.43
N MET B 181 9.98 -15.02 -19.41
CA MET B 181 9.55 -14.96 -20.81
C MET B 181 10.19 -16.07 -21.62
C10 7SL C . -0.41 16.31 14.65
C13 7SL C . 2.48 14.86 18.19
C01 7SL C . 4.25 12.65 22.36
C03 7SL C . 3.59 13.68 20.18
C04 7SL C . 2.50 13.90 19.15
C07 7SL C . 1.33 14.69 17.47
C08 7SL C . 0.86 15.52 16.28
C09 7SL C . -0.36 15.40 15.66
C11 7SL C . 0.79 17.00 14.64
N02 7SL C . 3.26 12.90 21.34
N05 7SL C . 1.42 13.13 19.04
N06 7SL C . 0.69 13.65 17.99
O12 7SL C . 1.56 16.51 15.64
O14 7SL C . 4.66 14.15 20.00
S SO4 D . 9.73 -17.10 19.49
O1 SO4 D . 8.77 -16.82 18.42
O2 SO4 D . 11.01 -17.51 18.93
O3 SO4 D . 9.20 -18.20 20.29
O4 SO4 D . 9.95 -15.86 20.26
S SO4 E . -7.61 9.80 34.57
O1 SO4 E . -7.59 9.67 33.11
O2 SO4 E . -6.24 9.80 35.10
O3 SO4 E . -8.33 8.66 35.15
O4 SO4 E . -8.27 11.04 34.92
S SO4 F . -1.68 15.20 11.23
O1 SO4 F . -2.27 15.10 9.89
O2 SO4 F . -0.86 14.01 11.49
O3 SO4 F . -2.73 15.27 12.25
O4 SO4 F . -0.90 16.43 11.29
S SO4 G . -12.84 8.12 27.04
O1 SO4 G . -11.74 8.49 26.13
O2 SO4 G . -13.51 6.93 26.53
O3 SO4 G . -12.33 7.83 28.38
O4 SO4 G . -13.80 9.21 27.13
C10 7SL H . -16.77 -0.21 -16.49
C13 7SL H . -13.80 -1.42 -12.98
C01 7SL H . -10.27 -3.72 -10.13
C03 7SL H . -11.89 -2.33 -11.49
C04 7SL H . -12.65 -2.15 -12.79
C07 7SL H . -14.13 -1.54 -14.29
C08 7SL H . -15.33 -0.89 -14.97
C09 7SL H . -15.60 -0.89 -16.32
C11 7SL H . -17.22 0.20 -15.25
N02 7SL H . -11.04 -3.48 -11.35
N05 7SL H . -12.30 -2.70 -13.96
N06 7SL H . -13.25 -2.32 -14.90
O12 7SL H . -16.32 -0.22 -14.32
O14 7SL H . -12.01 -1.50 -10.63
S SO4 I . 5.03 9.85 -10.82
O1 SO4 I . 5.95 10.04 -11.95
O2 SO4 I . 5.56 8.84 -9.92
O3 SO4 I . 3.75 9.41 -11.34
O4 SO4 I . 4.86 11.13 -10.11
S SO4 J . -16.66 1.32 -20.23
O1 SO4 J . -15.22 1.55 -20.23
O2 SO4 J . -16.95 -0.10 -20.27
O3 SO4 J . -17.25 1.91 -19.03
O4 SO4 J . -17.26 1.95 -21.42
S SO4 K . 19.83 -1.20 -18.00
O1 SO4 K . 21.08 -1.26 -17.23
O2 SO4 K . 19.84 -2.23 -19.03
O3 SO4 K . 19.68 0.11 -18.65
O4 SO4 K . 18.69 -1.43 -17.10
S SO4 L . 12.48 11.99 -14.09
O1 SO4 L . 13.18 13.10 -14.73
O2 SO4 L . 13.32 10.80 -14.12
O3 SO4 L . 12.17 12.31 -12.70
O4 SO4 L . 11.24 11.74 -14.84
#